data_5SZI
#
_entry.id   5SZI
#
_cell.length_a   62.400
_cell.length_b   122.400
_cell.length_c   139.150
_cell.angle_alpha   90.00
_cell.angle_beta   90.00
_cell.angle_gamma   90.00
#
_symmetry.space_group_name_H-M   'C 2 2 21'
#
loop_
_entity.id
_entity.type
_entity.pdbx_description
1 polymer 'Ras-related protein Rab-8A'
2 polymer 'MICAL C-terminal-like protein'
3 non-polymer 'PHOSPHOAMINOPHOSPHONIC ACID-GUANYLATE ESTER'
4 non-polymer 'MAGNESIUM ION'
5 water water
#
loop_
_entity_poly.entity_id
_entity_poly.type
_entity_poly.pdbx_seq_one_letter_code
_entity_poly.pdbx_strand_id
1 'polypeptide(L)'
;GHMAKTYDYLFKLLLIGDSGVGKTCVLFRFSEDAFNSTFISTIGIDFKIRTIELDGKRIKLQIWDTAGQERFRTITTAYY
RGAMGIMLVYDITNEKSFDNIRNWIRNIEEHASADVEKMILGNKCDVNDKRQVSKERGEKLALDYGIKFMETSAKANINV
ENAFFTLARDIKAKMDKKLEGNSPQGSNQGVKITPDQQKRSSFFRCVLL
;
A
2 'polypeptide(L)'
;GHMKQEELKRLYKAQAIQRQLEEVEERQRASEIQGVRLEKALRGEADSGTQDEAQLLQEWFKLVLEKNKLMRYESELLIM
AQELELEDHQSRLEQKLREKMLKEESQKDEKDLNEEQEVFTELMQVIEQRDKLVDSLEEQRIREKAEDQHFES
;
B
#
# COMPACT_ATOMS: atom_id res chain seq x y z
N LYS A 5 12.81 -6.15 -1.96
CA LYS A 5 14.25 -6.02 -1.74
C LYS A 5 14.56 -5.74 -0.27
N THR A 6 14.41 -4.47 0.06
CA THR A 6 14.75 -3.85 1.32
C THR A 6 13.94 -4.36 2.50
N TYR A 7 12.81 -4.99 2.24
CA TYR A 7 11.84 -5.29 3.28
C TYR A 7 12.00 -6.74 3.74
N ASP A 8 12.04 -6.92 5.06
CA ASP A 8 12.04 -8.26 5.63
C ASP A 8 10.68 -8.95 5.43
N TYR A 9 9.59 -8.25 5.75
CA TYR A 9 8.27 -8.76 5.43
C TYR A 9 7.32 -7.60 5.20
N LEU A 10 6.15 -7.90 4.62
CA LEU A 10 5.14 -6.90 4.31
C LEU A 10 3.83 -7.26 5.00
N PHE A 11 3.14 -6.23 5.49
CA PHE A 11 1.88 -6.43 6.17
C PHE A 11 0.77 -5.69 5.42
N LYS A 12 -0.37 -6.38 5.29
CA LYS A 12 -1.54 -5.79 4.68
C LYS A 12 -2.37 -5.11 5.77
N LEU A 13 -2.64 -3.83 5.57
CA LEU A 13 -3.44 -3.01 6.48
C LEU A 13 -4.68 -2.52 5.74
N LEU A 14 -5.65 -2.07 6.52
CA LEU A 14 -6.94 -1.68 5.99
C LEU A 14 -7.42 -0.46 6.76
N LEU A 15 -7.97 0.52 6.05
CA LEU A 15 -8.56 1.70 6.66
C LEU A 15 -10.06 1.70 6.35
N ILE A 16 -10.88 1.68 7.40
CA ILE A 16 -12.33 1.71 7.24
C ILE A 16 -12.90 2.80 8.13
N GLY A 17 -14.13 3.22 7.83
CA GLY A 17 -14.74 4.35 8.52
C GLY A 17 -15.67 5.07 7.56
N ASP A 18 -16.62 5.79 8.17
CA ASP A 18 -17.61 6.53 7.38
C ASP A 18 -16.91 7.46 6.40
N SER A 19 -17.60 7.74 5.29
CA SER A 19 -17.03 8.59 4.26
C SER A 19 -16.77 9.99 4.82
N GLY A 20 -15.67 10.60 4.36
CA GLY A 20 -15.30 11.93 4.77
C GLY A 20 -14.54 12.04 6.07
N VAL A 21 -14.32 10.94 6.80
CA VAL A 21 -13.60 11.04 8.06
C VAL A 21 -12.11 11.26 7.85
N GLY A 22 -11.62 11.17 6.62
CA GLY A 22 -10.24 11.50 6.31
C GLY A 22 -9.30 10.33 6.10
N LYS A 23 -9.82 9.10 5.98
CA LYS A 23 -8.96 7.94 5.75
C LYS A 23 -7.97 8.20 4.63
N THR A 24 -8.47 8.70 3.50
CA THR A 24 -7.58 8.93 2.37
C THR A 24 -6.54 9.99 2.69
N CYS A 25 -6.92 11.09 3.34
CA CYS A 25 -5.94 12.11 3.66
C CYS A 25 -4.93 11.60 4.68
N VAL A 26 -5.37 10.76 5.61
CA VAL A 26 -4.45 10.13 6.56
C VAL A 26 -3.41 9.31 5.82
N LEU A 27 -3.88 8.39 4.97
CA LEU A 27 -2.95 7.61 4.17
C LEU A 27 -2.06 8.51 3.30
N PHE A 28 -2.61 9.63 2.83
CA PHE A 28 -1.86 10.51 1.95
C PHE A 28 -0.69 11.15 2.68
N ARG A 29 -0.93 11.60 3.91
CA ARG A 29 0.16 12.22 4.64
C ARG A 29 1.17 11.18 5.13
N PHE A 30 0.70 10.00 5.54
CA PHE A 30 1.64 8.96 5.93
C PHE A 30 2.58 8.62 4.78
N SER A 31 2.04 8.43 3.57
CA SER A 31 2.89 7.97 2.48
C SER A 31 3.63 9.09 1.77
N GLU A 32 3.14 10.34 1.84
CA GLU A 32 3.62 11.42 0.99
C GLU A 32 4.02 12.69 1.72
N ASP A 33 3.80 12.80 3.04
CA ASP A 33 4.16 13.99 3.82
C ASP A 33 3.34 15.21 3.38
N ALA A 34 2.12 15.01 2.90
CA ALA A 34 1.36 16.08 2.25
C ALA A 34 -0.13 15.94 2.57
N PHE A 35 -0.90 16.95 2.15
CA PHE A 35 -2.32 17.06 2.43
C PHE A 35 -2.98 17.87 1.31
N ASN A 36 -4.25 17.58 1.06
CA ASN A 36 -5.03 18.36 0.09
C ASN A 36 -6.45 18.52 0.61
N SER A 37 -6.82 19.77 0.92
CA SER A 37 -8.17 20.08 1.38
C SER A 37 -9.24 19.58 0.42
N THR A 38 -8.91 19.50 -0.87
CA THR A 38 -9.86 19.02 -1.87
C THR A 38 -10.42 17.66 -1.46
N PHE A 39 -11.74 17.52 -1.56
CA PHE A 39 -12.44 16.32 -1.12
C PHE A 39 -12.78 15.47 -2.34
N ILE A 40 -12.14 14.31 -2.47
CA ILE A 40 -12.40 13.41 -3.58
C ILE A 40 -12.58 12.01 -2.99
N SER A 41 -13.82 11.54 -2.95
CA SER A 41 -14.16 10.32 -2.22
C SER A 41 -13.53 9.10 -2.90
N THR A 42 -12.98 8.21 -2.09
CA THR A 42 -12.40 6.99 -2.63
C THR A 42 -13.45 6.21 -3.40
N ILE A 43 -13.09 5.76 -4.60
CA ILE A 43 -13.97 4.93 -5.41
C ILE A 43 -13.57 3.48 -5.25
N GLY A 44 -14.44 2.70 -4.61
CA GLY A 44 -14.17 1.30 -4.46
C GLY A 44 -13.15 1.07 -3.38
N ILE A 45 -11.88 1.02 -3.77
CA ILE A 45 -10.79 0.74 -2.85
C ILE A 45 -9.50 1.15 -3.53
N ASP A 46 -8.49 1.47 -2.73
CA ASP A 46 -7.18 1.80 -3.27
C ASP A 46 -6.13 1.19 -2.35
N PHE A 47 -4.86 1.35 -2.72
CA PHE A 47 -3.82 0.96 -1.78
C PHE A 47 -2.52 1.65 -2.13
N LYS A 48 -1.71 1.87 -1.08
CA LYS A 48 -0.46 2.58 -1.22
C LYS A 48 0.58 1.87 -0.39
N ILE A 49 1.85 2.12 -0.70
CA ILE A 49 2.96 1.42 -0.08
C ILE A 49 3.81 2.42 0.69
N ARG A 50 4.23 2.03 1.90
CA ARG A 50 5.33 2.71 2.57
C ARG A 50 6.13 1.69 3.34
N THR A 51 7.42 1.62 3.07
CA THR A 51 8.30 0.72 3.80
C THR A 51 8.92 1.46 4.98
N ILE A 52 8.89 0.81 6.14
CA ILE A 52 9.37 1.42 7.37
C ILE A 52 10.43 0.52 7.98
N GLU A 53 11.25 1.09 8.85
CA GLU A 53 12.24 0.30 9.59
C GLU A 53 12.03 0.62 11.07
N LEU A 54 11.34 -0.27 11.77
CA LEU A 54 11.27 -0.26 13.22
C LEU A 54 11.84 -1.58 13.72
N ASP A 55 12.42 -1.55 14.91
CA ASP A 55 13.16 -2.67 15.48
C ASP A 55 14.29 -3.15 14.58
N GLY A 56 14.95 -2.21 13.90
CA GLY A 56 15.98 -2.59 12.95
C GLY A 56 15.47 -3.40 11.80
N LYS A 57 14.16 -3.45 11.61
CA LYS A 57 13.51 -4.28 10.61
C LYS A 57 12.75 -3.40 9.63
N ARG A 58 12.94 -3.67 8.34
CA ARG A 58 12.16 -3.00 7.30
C ARG A 58 10.95 -3.85 6.93
N ILE A 59 9.77 -3.24 7.03
CA ILE A 59 8.49 -3.88 6.75
C ILE A 59 7.80 -3.07 5.66
N LYS A 60 7.34 -3.74 4.61
CA LYS A 60 6.59 -3.08 3.55
C LYS A 60 5.12 -2.99 3.94
N LEU A 61 4.62 -1.77 4.06
CA LEU A 61 3.23 -1.50 4.42
C LEU A 61 2.40 -1.41 3.15
N GLN A 62 1.56 -2.42 2.92
CA GLN A 62 0.55 -2.35 1.86
C GLN A 62 -0.77 -1.92 2.52
N ILE A 63 -1.09 -0.65 2.38
CA ILE A 63 -2.19 -0.02 3.08
C ILE A 63 -3.37 0.12 2.13
N TRP A 64 -4.44 -0.63 2.39
CA TRP A 64 -5.66 -0.54 1.61
C TRP A 64 -6.54 0.56 2.19
N ASP A 65 -7.09 1.38 1.31
CA ASP A 65 -7.94 2.52 1.66
C ASP A 65 -9.35 2.22 1.17
N THR A 66 -10.26 1.94 2.10
CA THR A 66 -11.61 1.65 1.69
C THR A 66 -12.39 2.92 1.40
N ALA A 67 -13.37 2.79 0.50
CA ALA A 67 -14.36 3.84 0.31
C ALA A 67 -15.37 3.81 1.45
N GLY A 68 -15.63 4.97 2.04
CA GLY A 68 -16.57 5.03 3.14
C GLY A 68 -18.01 4.83 2.72
N GLN A 69 -18.35 5.15 1.48
CA GLN A 69 -19.75 5.23 1.12
C GLN A 69 -20.34 3.85 0.91
N GLU A 70 -21.55 3.67 1.43
CA GLU A 70 -22.30 2.43 1.34
C GLU A 70 -22.33 1.86 -0.08
N ARG A 71 -22.38 2.73 -1.11
CA ARG A 71 -22.34 2.25 -2.50
C ARG A 71 -21.35 1.12 -2.64
N PHE A 72 -20.14 1.34 -2.14
CA PHE A 72 -19.03 0.41 -2.30
C PHE A 72 -18.81 -0.48 -1.09
N ARG A 73 -19.62 -0.34 -0.03
CA ARG A 73 -19.37 -1.13 1.18
C ARG A 73 -19.30 -2.60 0.84
N THR A 74 -20.30 -3.08 0.09
CA THR A 74 -20.21 -4.35 -0.63
C THR A 74 -18.78 -4.69 -1.03
N ILE A 75 -18.26 -4.00 -2.05
CA ILE A 75 -16.92 -4.29 -2.57
C ILE A 75 -15.86 -4.20 -1.46
N THR A 76 -15.94 -3.20 -0.58
CA THR A 76 -14.87 -3.02 0.40
C THR A 76 -14.79 -4.23 1.31
N THR A 77 -15.94 -4.85 1.58
CA THR A 77 -15.96 -6.03 2.45
C THR A 77 -15.03 -7.11 1.92
N ALA A 78 -14.92 -7.23 0.59
CA ALA A 78 -14.07 -8.24 -0.01
C ALA A 78 -12.66 -8.22 0.57
N TYR A 79 -12.14 -7.04 0.89
CA TYR A 79 -10.74 -6.92 1.28
C TYR A 79 -10.54 -6.90 2.79
N TYR A 80 -11.55 -7.29 3.56
CA TYR A 80 -11.35 -7.34 5.01
C TYR A 80 -10.53 -8.56 5.42
N ARG A 81 -10.62 -9.64 4.65
CA ARG A 81 -10.13 -10.93 5.13
C ARG A 81 -8.61 -10.98 5.15
N GLY A 82 -7.96 -10.60 4.04
CA GLY A 82 -6.52 -10.58 3.99
C GLY A 82 -5.88 -9.58 4.93
N ALA A 83 -6.65 -8.60 5.39
CA ALA A 83 -6.11 -7.57 6.26
C ALA A 83 -5.45 -8.18 7.48
N MET A 84 -4.29 -7.65 7.81
CA MET A 84 -3.60 -8.05 9.02
C MET A 84 -3.54 -6.93 10.04
N GLY A 85 -3.88 -5.73 9.64
CA GLY A 85 -4.21 -4.67 10.59
C GLY A 85 -5.35 -3.86 10.03
N ILE A 86 -6.16 -3.30 10.92
CA ILE A 86 -7.30 -2.47 10.51
C ILE A 86 -7.38 -1.25 11.41
N MET A 87 -7.68 -0.10 10.81
CA MET A 87 -7.82 1.14 11.54
C MET A 87 -9.19 1.73 11.25
N LEU A 88 -9.96 1.88 12.31
CA LEU A 88 -11.29 2.45 12.28
C LEU A 88 -11.12 3.94 12.49
N VAL A 89 -11.53 4.73 11.51
CA VAL A 89 -11.33 6.16 11.55
C VAL A 89 -12.68 6.83 11.75
N TYR A 90 -12.78 7.67 12.76
CA TYR A 90 -13.94 8.52 12.92
C TYR A 90 -13.50 9.97 12.89
N ASP A 91 -14.48 10.85 12.75
CA ASP A 91 -14.25 12.30 12.65
C ASP A 91 -14.66 12.96 13.95
N ILE A 92 -13.74 13.72 14.56
CA ILE A 92 -14.08 14.44 15.78
C ILE A 92 -15.18 15.45 15.49
N THR A 93 -15.20 16.01 14.27
CA THR A 93 -16.23 17.01 13.95
C THR A 93 -17.57 16.36 13.63
N ASN A 94 -17.63 15.04 13.53
CA ASN A 94 -18.91 14.37 13.37
C ASN A 94 -19.06 13.24 14.38
N GLU A 95 -20.11 13.32 15.19
CA GLU A 95 -20.36 12.29 16.20
C GLU A 95 -20.97 11.05 15.58
N LYS A 96 -21.83 11.22 14.56
CA LYS A 96 -22.46 10.04 13.96
C LYS A 96 -21.41 9.07 13.43
N SER A 97 -20.36 9.61 12.80
CA SER A 97 -19.19 8.80 12.47
C SER A 97 -18.70 8.02 13.68
N PHE A 98 -18.60 8.70 14.83
CA PHE A 98 -18.17 8.03 16.05
C PHE A 98 -19.08 6.86 16.41
N ASP A 99 -20.40 7.03 16.25
CA ASP A 99 -21.32 5.99 16.69
C ASP A 99 -21.32 4.81 15.72
N ASN A 100 -20.98 5.04 14.46
CA ASN A 100 -20.92 3.93 13.51
C ASN A 100 -19.71 3.02 13.70
N ILE A 101 -18.78 3.36 14.60
CA ILE A 101 -17.63 2.49 14.84
C ILE A 101 -18.11 1.09 15.23
N ARG A 102 -19.25 1.02 15.92
CA ARG A 102 -19.86 -0.27 16.23
C ARG A 102 -20.22 -1.02 14.96
N ASN A 103 -20.84 -0.32 14.00
CA ASN A 103 -21.17 -0.96 12.73
C ASN A 103 -19.92 -1.49 12.04
N TRP A 104 -18.85 -0.70 12.07
CA TRP A 104 -17.59 -1.13 11.46
C TRP A 104 -17.02 -2.35 12.16
N ILE A 105 -17.10 -2.39 13.49
CA ILE A 105 -16.57 -3.53 14.22
C ILE A 105 -17.40 -4.78 13.92
N ARG A 106 -18.71 -4.65 13.81
CA ARG A 106 -19.53 -5.77 13.35
C ARG A 106 -19.07 -6.25 11.98
N ASN A 107 -18.84 -5.31 11.06
CA ASN A 107 -18.30 -5.67 9.75
C ASN A 107 -16.99 -6.45 9.88
N ILE A 108 -16.12 -6.02 10.80
CA ILE A 108 -14.86 -6.70 11.03
C ILE A 108 -15.11 -8.14 11.45
N GLU A 109 -16.06 -8.34 12.37
CA GLU A 109 -16.32 -9.69 12.85
C GLU A 109 -16.93 -10.57 11.77
N GLU A 110 -17.76 -9.99 10.90
CA GLU A 110 -18.35 -10.80 9.83
C GLU A 110 -17.33 -11.17 8.76
N HIS A 111 -16.36 -10.30 8.47
CA HIS A 111 -15.50 -10.54 7.30
C HIS A 111 -14.03 -10.75 7.63
N ALA A 112 -13.45 -9.95 8.52
CA ALA A 112 -12.06 -10.14 8.89
C ALA A 112 -11.94 -11.37 9.79
N SER A 113 -10.85 -12.11 9.62
CA SER A 113 -10.60 -13.27 10.45
C SER A 113 -10.17 -12.84 11.85
N ALA A 114 -10.74 -13.49 12.87
CA ALA A 114 -10.75 -12.95 14.22
C ALA A 114 -9.38 -12.46 14.70
N ASP A 115 -8.29 -13.05 14.20
CA ASP A 115 -6.96 -12.72 14.70
C ASP A 115 -6.59 -11.26 14.43
N VAL A 116 -7.28 -10.59 13.49
CA VAL A 116 -6.93 -9.25 13.08
C VAL A 116 -6.53 -8.37 14.26
N GLU A 117 -5.49 -7.57 14.05
CA GLU A 117 -5.25 -6.47 14.96
C GLU A 117 -6.24 -5.35 14.65
N LYS A 118 -6.34 -4.39 15.56
CA LYS A 118 -7.33 -3.33 15.42
C LYS A 118 -6.78 -2.08 16.07
N MET A 119 -7.22 -0.93 15.55
CA MET A 119 -6.86 0.35 16.15
C MET A 119 -7.89 1.38 15.76
N ILE A 120 -8.15 2.35 16.64
CA ILE A 120 -9.14 3.40 16.38
C ILE A 120 -8.47 4.77 16.43
N LEU A 121 -8.84 5.64 15.48
CA LEU A 121 -8.33 7.01 15.46
C LEU A 121 -9.48 7.99 15.26
N GLY A 122 -9.49 9.04 16.09
CA GLY A 122 -10.34 10.18 15.83
C GLY A 122 -9.55 11.27 15.15
N ASN A 123 -9.85 11.52 13.89
CA ASN A 123 -9.06 12.41 13.06
C ASN A 123 -9.72 13.78 12.96
N LYS A 124 -9.01 14.71 12.32
CA LYS A 124 -9.40 16.11 12.20
C LYS A 124 -9.39 16.81 13.56
N CYS A 125 -8.52 16.35 14.47
CA CYS A 125 -8.33 17.04 15.74
C CYS A 125 -7.49 18.29 15.60
N ASP A 126 -7.11 18.68 14.38
CA ASP A 126 -6.29 19.88 14.21
C ASP A 126 -7.03 21.11 14.72
N VAL A 127 -8.35 21.16 14.56
CA VAL A 127 -9.14 22.23 15.14
C VAL A 127 -10.24 21.61 16.01
N ASN A 128 -10.08 21.81 17.32
CA ASN A 128 -11.02 21.57 18.39
C ASN A 128 -12.31 22.37 18.22
N ASP A 129 -12.26 23.52 17.53
CA ASP A 129 -13.37 24.47 17.49
C ASP A 129 -14.72 23.77 17.27
N LYS A 130 -14.83 22.95 16.23
CA LYS A 130 -16.07 22.25 15.94
C LYS A 130 -16.06 20.81 16.46
N ARG A 131 -15.22 20.51 17.45
CA ARG A 131 -15.23 19.18 18.07
C ARG A 131 -16.60 18.88 18.67
N GLN A 132 -17.18 17.74 18.28
CA GLN A 132 -18.38 17.28 18.96
C GLN A 132 -18.17 16.00 19.74
N VAL A 133 -17.05 15.30 19.58
CA VAL A 133 -16.74 14.13 20.37
C VAL A 133 -15.53 14.45 21.26
N SER A 134 -15.72 14.42 22.57
CA SER A 134 -14.60 14.63 23.48
C SER A 134 -13.63 13.46 23.40
N LYS A 135 -12.33 13.77 23.53
CA LYS A 135 -11.30 12.75 23.37
C LYS A 135 -11.44 11.65 24.42
N GLU A 136 -11.87 12.04 25.62
CA GLU A 136 -12.11 11.07 26.69
C GLU A 136 -13.12 10.01 26.28
N ARG A 137 -14.23 10.44 25.66
CA ARG A 137 -15.21 9.48 25.15
C ARG A 137 -14.53 8.43 24.28
N GLY A 138 -13.74 8.89 23.31
CA GLY A 138 -13.09 7.97 22.39
C GLY A 138 -12.19 6.97 23.10
N GLU A 139 -11.38 7.46 24.04
CA GLU A 139 -10.45 6.55 24.69
C GLU A 139 -11.19 5.50 25.50
N LYS A 140 -12.18 5.93 26.29
CA LYS A 140 -12.87 4.93 27.10
C LYS A 140 -13.57 3.91 26.20
N LEU A 141 -14.04 4.33 25.03
CA LEU A 141 -14.60 3.36 24.08
C LEU A 141 -13.55 2.35 23.62
N ALA A 142 -12.40 2.86 23.16
CA ALA A 142 -11.31 1.97 22.76
C ALA A 142 -10.94 0.99 23.86
N LEU A 143 -10.79 1.49 25.10
CA LEU A 143 -10.47 0.61 26.22
C LEU A 143 -11.57 -0.41 26.44
N ASP A 144 -12.83 0.00 26.24
CA ASP A 144 -13.93 -0.95 26.26
C ASP A 144 -13.66 -2.11 25.33
N TYR A 145 -13.19 -1.81 24.11
CA TYR A 145 -12.75 -2.89 23.22
C TYR A 145 -11.36 -3.40 23.56
N GLY A 146 -10.58 -2.64 24.33
CA GLY A 146 -9.24 -3.04 24.67
C GLY A 146 -8.17 -2.68 23.64
N ILE A 147 -8.55 -2.16 22.48
CA ILE A 147 -7.60 -1.85 21.42
C ILE A 147 -7.12 -0.40 21.53
N LYS A 148 -5.95 -0.12 20.96
CA LYS A 148 -5.35 1.20 21.09
C LYS A 148 -6.09 2.26 20.27
N PHE A 149 -6.08 3.49 20.79
CA PHE A 149 -6.77 4.63 20.20
C PHE A 149 -5.84 5.83 20.15
N MET A 150 -6.11 6.71 19.21
CA MET A 150 -5.36 7.96 19.08
C MET A 150 -6.16 8.96 18.27
N GLU A 151 -6.04 10.23 18.64
CA GLU A 151 -6.50 11.32 17.81
C GLU A 151 -5.37 11.73 16.88
N THR A 152 -5.72 12.15 15.67
CA THR A 152 -4.74 12.50 14.66
C THR A 152 -5.24 13.71 13.88
N SER A 153 -4.35 14.31 13.08
CA SER A 153 -4.74 15.35 12.12
C SER A 153 -3.85 15.26 10.90
N ALA A 154 -4.43 14.89 9.77
CA ALA A 154 -3.68 14.87 8.52
C ALA A 154 -3.26 16.28 8.09
N LYS A 155 -4.05 17.29 8.47
CA LYS A 155 -3.68 18.66 8.15
C LYS A 155 -2.39 19.07 8.86
N ALA A 156 -2.20 18.59 10.09
CA ALA A 156 -1.09 19.02 10.93
C ALA A 156 -0.07 17.93 11.22
N ASN A 157 -0.19 16.76 10.59
CA ASN A 157 0.77 15.67 10.74
C ASN A 157 0.95 15.27 12.20
N ILE A 158 -0.17 15.04 12.87
CA ILE A 158 -0.16 14.68 14.29
C ILE A 158 -0.53 13.22 14.43
N ASN A 159 0.41 12.42 14.92
CA ASN A 159 0.25 11.00 15.28
C ASN A 159 -0.02 10.08 14.10
N VAL A 160 -0.06 10.59 12.86
CA VAL A 160 -0.21 9.69 11.71
C VAL A 160 0.90 8.64 11.70
N GLU A 161 2.14 9.11 11.63
CA GLU A 161 3.30 8.30 11.99
C GLU A 161 2.99 7.40 13.18
N ASN A 162 2.99 7.99 14.38
CA ASN A 162 2.74 7.26 15.62
C ASN A 162 1.78 6.09 15.44
N ALA A 163 0.58 6.38 14.91
CA ALA A 163 -0.44 5.36 14.75
C ALA A 163 0.06 4.20 13.89
N PHE A 164 0.50 4.51 12.65
CA PHE A 164 0.92 3.43 11.76
C PHE A 164 2.07 2.63 12.36
N PHE A 165 3.03 3.31 13.00
CA PHE A 165 4.14 2.60 13.65
C PHE A 165 3.61 1.57 14.67
N THR A 166 2.70 1.98 15.56
CA THR A 166 2.31 1.09 16.64
C THR A 166 1.46 -0.08 16.14
N LEU A 167 0.50 0.17 15.23
CA LEU A 167 -0.25 -1.00 14.75
C LEU A 167 0.68 -1.96 14.02
N ALA A 168 1.64 -1.40 13.27
CA ALA A 168 2.61 -2.22 12.55
C ALA A 168 3.41 -3.10 13.52
N ARG A 169 3.81 -2.54 14.66
CA ARG A 169 4.57 -3.37 15.59
C ARG A 169 3.68 -4.43 16.23
N ASP A 170 2.47 -4.04 16.66
CA ASP A 170 1.61 -5.02 17.34
C ASP A 170 1.37 -6.23 16.46
N ILE A 171 1.17 -6.02 15.16
CA ILE A 171 1.10 -7.17 14.27
C ILE A 171 2.44 -7.90 14.22
N LYS A 172 3.56 -7.16 14.23
CA LYS A 172 4.87 -7.82 14.25
C LYS A 172 5.01 -8.73 15.47
N ALA A 173 5.10 -8.15 16.67
CA ALA A 173 5.11 -8.88 17.94
C ALA A 173 4.17 -10.08 17.93
N LYS A 174 2.92 -9.88 17.53
CA LYS A 174 1.96 -10.97 17.53
C LYS A 174 2.40 -12.11 16.61
N MET A 175 2.97 -11.78 15.44
CA MET A 175 3.19 -12.83 14.45
C MET A 175 4.55 -13.51 14.63
N ASP A 176 5.60 -12.74 14.96
CA ASP A 176 6.89 -13.38 15.21
C ASP A 176 6.87 -14.14 16.54
N LYS A 177 6.15 -13.61 17.53
CA LYS A 177 6.00 -14.33 18.79
C LYS A 177 5.29 -15.66 18.58
N LYS A 178 4.35 -15.72 17.65
CA LYS A 178 3.65 -16.97 17.35
C LYS A 178 4.59 -18.00 16.73
N MET B 3 0.03 20.58 -19.58
CA MET B 3 0.84 20.36 -18.40
C MET B 3 0.24 19.39 -17.42
N LYS B 4 1.07 18.90 -16.51
CA LYS B 4 0.73 17.80 -15.64
C LYS B 4 1.10 18.14 -14.22
N GLN B 5 0.56 17.35 -13.28
CA GLN B 5 0.77 17.64 -11.86
C GLN B 5 1.03 16.35 -11.11
N GLU B 6 2.27 16.19 -10.66
CA GLU B 6 2.70 15.10 -9.77
C GLU B 6 2.23 13.70 -10.23
N GLU B 7 1.81 13.58 -11.48
CA GLU B 7 2.23 12.40 -12.21
C GLU B 7 3.70 12.53 -12.57
N LEU B 8 4.20 13.77 -12.60
CA LEU B 8 5.62 14.07 -12.78
C LEU B 8 6.49 13.03 -12.10
N LYS B 9 6.20 12.76 -10.83
CA LYS B 9 6.99 11.85 -10.01
C LYS B 9 7.04 10.48 -10.63
N ARG B 10 5.89 10.05 -11.11
CA ARG B 10 5.80 8.76 -11.78
C ARG B 10 6.73 8.69 -12.98
N LEU B 11 6.86 9.78 -13.75
CA LEU B 11 7.64 9.72 -14.98
C LEU B 11 9.13 9.82 -14.70
N TYR B 12 9.51 10.74 -13.82
CA TYR B 12 10.91 10.77 -13.41
C TYR B 12 11.34 9.43 -12.87
N LYS B 13 10.50 8.82 -12.01
CA LYS B 13 10.89 7.56 -11.41
C LYS B 13 10.95 6.46 -12.46
N ALA B 14 10.02 6.48 -13.42
CA ALA B 14 10.05 5.48 -14.47
C ALA B 14 11.35 5.57 -15.25
N GLN B 15 11.75 6.81 -15.57
CA GLN B 15 12.99 7.02 -16.31
C GLN B 15 14.20 6.56 -15.50
N ALA B 16 14.25 6.92 -14.21
CA ALA B 16 15.36 6.45 -13.37
C ALA B 16 15.44 4.93 -13.36
N ILE B 17 14.28 4.27 -13.24
CA ILE B 17 14.24 2.82 -13.28
C ILE B 17 14.84 2.30 -14.57
N GLN B 18 14.54 2.94 -15.71
CA GLN B 18 15.12 2.41 -16.94
C GLN B 18 16.59 2.79 -17.07
N ARG B 19 17.02 3.86 -16.40
CA ARG B 19 18.45 4.18 -16.38
C ARG B 19 19.22 3.07 -15.69
N GLN B 20 18.77 2.69 -14.49
CA GLN B 20 19.47 1.65 -13.76
C GLN B 20 19.25 0.27 -14.35
N LEU B 21 18.08 0.01 -14.92
CA LEU B 21 17.96 -1.16 -15.78
C LEU B 21 19.11 -1.18 -16.76
N GLU B 22 19.33 -0.05 -17.47
CA GLU B 22 20.36 0.03 -18.51
C GLU B 22 21.74 -0.32 -17.95
N GLU B 23 22.09 0.28 -16.81
CA GLU B 23 23.33 -0.12 -16.13
C GLU B 23 23.38 -1.62 -15.94
N VAL B 24 22.26 -2.20 -15.49
CA VAL B 24 22.27 -3.60 -15.11
C VAL B 24 22.57 -4.49 -16.31
N GLU B 25 21.83 -4.39 -17.42
CA GLU B 25 22.14 -5.35 -18.49
C GLU B 25 23.47 -5.00 -19.16
N GLU B 26 23.94 -3.76 -19.03
CA GLU B 26 25.35 -3.48 -19.31
C GLU B 26 26.26 -4.49 -18.60
N ARG B 27 26.20 -4.51 -17.26
CA ARG B 27 27.10 -5.39 -16.51
C ARG B 27 26.72 -6.87 -16.65
N GLN B 28 25.50 -7.17 -17.10
CA GLN B 28 25.16 -8.54 -17.42
C GLN B 28 25.95 -9.01 -18.64
N ARG B 29 26.03 -8.14 -19.66
CA ARG B 29 26.83 -8.46 -20.84
C ARG B 29 28.30 -8.66 -20.46
N ALA B 30 28.87 -7.70 -19.72
CA ALA B 30 30.26 -7.82 -19.29
C ALA B 30 30.50 -9.10 -18.48
N SER B 31 29.65 -9.34 -17.50
CA SER B 31 29.78 -10.54 -16.67
C SER B 31 29.72 -11.81 -17.50
N GLU B 32 28.80 -11.86 -18.47
CA GLU B 32 28.69 -13.05 -19.31
C GLU B 32 29.97 -13.29 -20.10
N ILE B 33 30.58 -12.21 -20.63
CA ILE B 33 31.76 -12.41 -21.45
C ILE B 33 32.94 -12.90 -20.60
N GLN B 34 33.14 -12.30 -19.41
CA GLN B 34 34.16 -12.87 -18.54
C GLN B 34 33.81 -14.31 -18.17
N GLY B 35 32.51 -14.63 -18.15
CA GLY B 35 32.09 -16.00 -17.93
C GLY B 35 32.71 -16.96 -18.93
N VAL B 36 32.56 -16.66 -20.23
CA VAL B 36 33.07 -17.60 -21.23
C VAL B 36 34.59 -17.53 -21.34
N ARG B 37 35.20 -16.37 -21.00
CA ARG B 37 36.66 -16.34 -20.95
C ARG B 37 37.20 -17.33 -19.91
N LEU B 38 36.70 -17.25 -18.67
CA LEU B 38 37.22 -18.13 -17.64
C LEU B 38 36.80 -19.57 -17.89
N GLU B 39 35.64 -19.78 -18.52
CA GLU B 39 35.32 -21.10 -19.03
C GLU B 39 36.40 -21.60 -19.97
N LYS B 40 36.92 -20.72 -20.84
CA LYS B 40 37.99 -21.10 -21.75
C LYS B 40 39.26 -21.47 -20.98
N ALA B 41 39.48 -20.84 -19.82
CA ALA B 41 40.65 -21.20 -19.02
C ALA B 41 40.62 -22.68 -18.61
N LEU B 42 39.44 -23.20 -18.27
CA LEU B 42 39.32 -24.59 -17.83
C LEU B 42 38.53 -25.44 -18.84
N ASP B 52 47.95 -18.42 -10.62
CA ASP B 52 47.59 -19.79 -10.27
C ASP B 52 46.09 -20.04 -10.53
N GLU B 53 45.75 -21.29 -10.87
CA GLU B 53 44.37 -21.59 -11.26
C GLU B 53 43.42 -21.60 -10.07
N ALA B 54 43.92 -21.87 -8.86
CA ALA B 54 43.06 -21.80 -7.70
C ALA B 54 42.53 -20.38 -7.50
N GLN B 55 43.43 -19.40 -7.50
CA GLN B 55 43.04 -17.99 -7.35
C GLN B 55 42.00 -17.59 -8.39
N LEU B 56 42.21 -17.95 -9.65
CA LEU B 56 41.26 -17.52 -10.66
C LEU B 56 39.92 -18.23 -10.47
N LEU B 57 39.93 -19.46 -9.96
CA LEU B 57 38.67 -20.11 -9.62
C LEU B 57 37.92 -19.32 -8.54
N GLN B 58 38.64 -18.82 -7.54
CA GLN B 58 38.02 -17.93 -6.57
C GLN B 58 37.36 -16.75 -7.28
N GLU B 59 38.06 -16.15 -8.25
CA GLU B 59 37.51 -14.97 -8.94
C GLU B 59 36.22 -15.32 -9.71
N TRP B 60 36.26 -16.42 -10.47
CA TRP B 60 35.08 -16.87 -11.20
C TRP B 60 33.91 -17.14 -10.27
N PHE B 61 34.20 -17.67 -9.08
CA PHE B 61 33.18 -17.79 -8.05
C PHE B 61 32.54 -16.44 -7.75
N LYS B 62 33.38 -15.42 -7.52
CA LYS B 62 32.85 -14.07 -7.33
C LYS B 62 31.91 -13.69 -8.48
N LEU B 63 32.28 -14.03 -9.71
CA LEU B 63 31.47 -13.61 -10.84
C LEU B 63 30.12 -14.33 -10.86
N VAL B 64 30.09 -15.61 -10.47
CA VAL B 64 28.80 -16.28 -10.40
C VAL B 64 27.90 -15.59 -9.38
N LEU B 65 28.43 -15.34 -8.18
CA LEU B 65 27.71 -14.50 -7.24
C LEU B 65 27.16 -13.24 -7.92
N GLU B 66 27.97 -12.63 -8.80
CA GLU B 66 27.60 -11.37 -9.42
C GLU B 66 26.43 -11.53 -10.38
N LYS B 67 26.50 -12.53 -11.26
CA LYS B 67 25.36 -12.81 -12.13
C LYS B 67 24.10 -12.97 -11.29
N ASN B 68 24.19 -13.73 -10.21
CA ASN B 68 23.01 -13.91 -9.35
C ASN B 68 22.45 -12.57 -8.88
N LYS B 69 23.29 -11.76 -8.22
CA LYS B 69 22.84 -10.47 -7.71
C LYS B 69 22.19 -9.63 -8.80
N LEU B 70 22.80 -9.62 -10.00
CA LEU B 70 22.26 -8.88 -11.13
C LEU B 70 20.88 -9.38 -11.54
N MET B 71 20.65 -10.70 -11.54
CA MET B 71 19.31 -11.16 -11.88
C MET B 71 18.28 -10.72 -10.87
N ARG B 72 18.60 -10.86 -9.57
CA ARG B 72 17.65 -10.38 -8.57
C ARG B 72 17.27 -8.94 -8.85
N TYR B 73 18.28 -8.08 -9.06
CA TYR B 73 17.99 -6.66 -9.27
C TYR B 73 17.21 -6.43 -10.56
N GLU B 74 17.50 -7.23 -11.59
CA GLU B 74 16.87 -7.00 -12.88
C GLU B 74 15.40 -7.34 -12.85
N SER B 75 15.06 -8.56 -12.43
CA SER B 75 13.65 -8.95 -12.37
C SER B 75 12.90 -7.98 -11.48
N GLU B 76 13.55 -7.56 -10.40
CA GLU B 76 12.93 -6.57 -9.53
C GLU B 76 12.60 -5.28 -10.29
N LEU B 77 13.60 -4.71 -10.98
CA LEU B 77 13.37 -3.47 -11.72
C LEU B 77 12.23 -3.64 -12.72
N LEU B 78 12.19 -4.79 -13.42
CA LEU B 78 11.10 -5.01 -14.37
C LEU B 78 9.75 -4.89 -13.69
N ILE B 79 9.62 -5.47 -12.50
CA ILE B 79 8.37 -5.33 -11.75
C ILE B 79 8.10 -3.86 -11.45
N MET B 80 9.07 -3.16 -10.82
CA MET B 80 8.86 -1.75 -10.50
C MET B 80 8.36 -0.94 -11.71
N ALA B 81 8.91 -1.24 -12.88
CA ALA B 81 8.47 -0.61 -14.11
C ALA B 81 6.99 -0.87 -14.34
N GLN B 82 6.57 -2.14 -14.35
CA GLN B 82 5.16 -2.41 -14.63
C GLN B 82 4.26 -1.85 -13.54
N GLU B 83 4.79 -1.75 -12.32
CA GLU B 83 4.06 -1.08 -11.25
C GLU B 83 3.69 0.34 -11.68
N LEU B 84 4.70 1.13 -12.09
CA LEU B 84 4.39 2.51 -12.48
C LEU B 84 3.46 2.54 -13.70
N GLU B 85 3.66 1.64 -14.67
CA GLU B 85 2.75 1.67 -15.82
C GLU B 85 1.30 1.46 -15.35
N LEU B 86 1.10 0.50 -14.46
CA LEU B 86 -0.25 0.25 -13.94
C LEU B 86 -0.76 1.45 -13.17
N GLU B 87 0.08 2.08 -12.34
CA GLU B 87 -0.37 3.26 -11.61
C GLU B 87 -0.87 4.34 -12.57
N ASP B 88 -0.13 4.59 -13.65
CA ASP B 88 -0.61 5.54 -14.66
C ASP B 88 -1.97 5.12 -15.19
N HIS B 89 -2.06 3.89 -15.72
CA HIS B 89 -3.32 3.39 -16.27
C HIS B 89 -4.47 3.57 -15.28
N GLN B 90 -4.20 3.29 -14.01
CA GLN B 90 -5.19 3.50 -12.95
C GLN B 90 -5.60 4.96 -12.87
N SER B 91 -4.63 5.88 -12.89
CA SER B 91 -4.97 7.29 -12.82
C SER B 91 -5.93 7.70 -13.94
N ARG B 92 -5.58 7.34 -15.17
CA ARG B 92 -6.45 7.63 -16.30
C ARG B 92 -7.85 7.06 -16.05
N LEU B 93 -7.92 5.73 -15.90
CA LEU B 93 -9.20 5.05 -15.72
C LEU B 93 -10.05 5.72 -14.64
N GLU B 94 -9.44 6.01 -13.49
CA GLU B 94 -10.20 6.59 -12.37
C GLU B 94 -10.83 7.92 -12.75
N GLN B 95 -10.02 8.88 -13.24
CA GLN B 95 -10.62 10.17 -13.56
C GLN B 95 -11.67 10.06 -14.66
N LYS B 96 -11.54 9.05 -15.53
CA LYS B 96 -12.56 8.84 -16.57
C LYS B 96 -13.87 8.36 -15.96
N LEU B 97 -13.79 7.39 -15.05
CA LEU B 97 -15.01 6.95 -14.40
C LEU B 97 -15.69 8.12 -13.70
N ARG B 98 -14.93 8.95 -12.96
CA ARG B 98 -15.56 10.07 -12.25
C ARG B 98 -16.26 11.04 -13.21
N GLU B 99 -15.59 11.42 -14.30
CA GLU B 99 -16.29 12.29 -15.24
C GLU B 99 -17.59 11.65 -15.70
N LYS B 100 -17.59 10.33 -15.88
CA LYS B 100 -18.84 9.64 -16.21
C LYS B 100 -19.85 9.72 -15.06
N MET B 101 -19.37 9.73 -13.81
CA MET B 101 -20.29 9.69 -12.67
C MET B 101 -20.93 11.05 -12.39
N LEU B 102 -20.38 12.14 -12.95
CA LEU B 102 -20.98 13.44 -12.64
C LEU B 102 -22.37 13.60 -13.24
N LYS B 103 -22.60 13.06 -14.43
CA LYS B 103 -23.94 13.04 -14.98
C LYS B 103 -24.88 12.25 -14.07
N GLU B 104 -26.12 12.72 -13.98
CA GLU B 104 -27.09 12.06 -13.12
C GLU B 104 -27.53 10.73 -13.72
N GLU B 105 -27.93 9.81 -12.84
CA GLU B 105 -28.42 8.51 -13.31
C GLU B 105 -29.62 8.66 -14.22
N SER B 106 -30.45 9.68 -14.00
CA SER B 106 -31.61 9.91 -14.86
C SER B 106 -31.19 10.22 -16.29
N GLN B 107 -30.04 10.84 -16.47
CA GLN B 107 -29.55 11.21 -17.79
C GLN B 107 -28.75 10.10 -18.45
N LYS B 108 -28.61 8.94 -17.81
CA LYS B 108 -27.73 7.89 -18.30
C LYS B 108 -28.53 6.89 -19.11
N ASP B 109 -28.11 6.69 -20.37
CA ASP B 109 -28.71 5.68 -21.23
C ASP B 109 -27.93 4.37 -21.07
N GLU B 110 -28.24 3.39 -21.92
CA GLU B 110 -27.60 2.08 -21.82
C GLU B 110 -26.13 2.14 -22.20
N LYS B 111 -25.79 2.86 -23.27
CA LYS B 111 -24.38 3.03 -23.64
C LYS B 111 -23.60 3.68 -22.51
N ASP B 112 -24.09 4.82 -22.01
CA ASP B 112 -23.42 5.53 -20.93
C ASP B 112 -23.29 4.65 -19.69
N LEU B 113 -24.40 4.06 -19.24
CA LEU B 113 -24.36 3.19 -18.06
C LEU B 113 -23.36 2.07 -18.22
N ASN B 114 -23.42 1.35 -19.35
CA ASN B 114 -22.60 0.16 -19.50
C ASN B 114 -21.12 0.52 -19.61
N GLU B 115 -20.78 1.55 -20.38
CA GLU B 115 -19.36 1.88 -20.46
C GLU B 115 -18.85 2.41 -19.12
N GLU B 116 -19.69 3.14 -18.37
CA GLU B 116 -19.34 3.52 -17.01
C GLU B 116 -18.99 2.29 -16.19
N GLN B 117 -19.95 1.40 -16.08
CA GLN B 117 -19.72 0.04 -15.64
C GLN B 117 -18.33 -0.47 -16.06
N GLU B 118 -18.10 -0.59 -17.40
CA GLU B 118 -16.90 -1.20 -18.00
C GLU B 118 -15.62 -0.55 -17.45
N VAL B 119 -15.63 0.76 -17.26
CA VAL B 119 -14.40 1.35 -16.77
C VAL B 119 -14.24 1.09 -15.27
N PHE B 120 -15.36 1.02 -14.51
CA PHE B 120 -15.20 0.61 -13.12
C PHE B 120 -14.52 -0.74 -13.00
N THR B 121 -14.99 -1.73 -13.79
CA THR B 121 -14.41 -3.07 -13.63
C THR B 121 -12.97 -3.09 -14.12
N GLU B 122 -12.70 -2.49 -15.29
CA GLU B 122 -11.31 -2.41 -15.71
C GLU B 122 -10.44 -1.80 -14.62
N LEU B 123 -10.95 -0.76 -13.96
CA LEU B 123 -10.23 -0.12 -12.86
C LEU B 123 -9.90 -1.12 -11.76
N MET B 124 -10.93 -1.79 -11.24
CA MET B 124 -10.73 -2.76 -10.17
C MET B 124 -9.75 -3.85 -10.59
N GLN B 125 -9.82 -4.29 -11.85
CA GLN B 125 -8.89 -5.32 -12.31
C GLN B 125 -7.46 -4.81 -12.32
N VAL B 126 -7.26 -3.55 -12.72
CA VAL B 126 -5.93 -2.94 -12.67
C VAL B 126 -5.42 -2.92 -11.24
N ILE B 127 -6.26 -2.52 -10.29
CA ILE B 127 -5.85 -2.60 -8.90
C ILE B 127 -5.45 -4.03 -8.55
N GLU B 128 -6.26 -5.00 -8.98
CA GLU B 128 -5.92 -6.41 -8.74
C GLU B 128 -4.51 -6.72 -9.20
N GLN B 129 -4.16 -6.32 -10.43
CA GLN B 129 -2.83 -6.68 -10.93
C GLN B 129 -1.73 -5.97 -10.15
N ARG B 130 -1.94 -4.70 -9.79
CA ARG B 130 -1.00 -4.07 -8.86
C ARG B 130 -0.69 -4.99 -7.69
N ASP B 131 -1.74 -5.49 -7.03
CA ASP B 131 -1.51 -6.36 -5.88
C ASP B 131 -0.79 -7.63 -6.28
N LYS B 132 -1.17 -8.24 -7.41
CA LYS B 132 -0.46 -9.44 -7.86
C LYS B 132 1.04 -9.18 -7.96
N LEU B 133 1.43 -7.98 -8.43
CA LEU B 133 2.84 -7.65 -8.45
C LEU B 133 3.41 -7.57 -7.04
N VAL B 134 2.67 -6.98 -6.09
CA VAL B 134 3.15 -6.97 -4.71
C VAL B 134 3.42 -8.39 -4.22
N ASP B 135 2.50 -9.30 -4.51
CA ASP B 135 2.61 -10.67 -4.00
C ASP B 135 3.77 -11.42 -4.67
N SER B 136 3.86 -11.35 -6.00
CA SER B 136 4.95 -12.04 -6.68
C SER B 136 6.29 -11.47 -6.26
N LEU B 137 6.39 -10.14 -6.17
CA LEU B 137 7.53 -9.51 -5.53
C LEU B 137 7.85 -10.18 -4.19
N GLU B 138 6.81 -10.58 -3.46
CA GLU B 138 7.06 -11.23 -2.17
C GLU B 138 7.60 -12.64 -2.34
N GLU B 139 7.02 -13.43 -3.24
CA GLU B 139 7.57 -14.76 -3.48
C GLU B 139 9.04 -14.68 -3.86
N GLN B 140 9.43 -13.62 -4.57
CA GLN B 140 10.85 -13.40 -4.82
C GLN B 140 11.59 -13.14 -3.52
N ARG B 141 11.04 -12.29 -2.65
CA ARG B 141 11.69 -12.04 -1.36
C ARG B 141 11.92 -13.34 -0.58
N ILE B 142 10.90 -14.21 -0.53
CA ILE B 142 11.00 -15.41 0.28
C ILE B 142 11.94 -16.44 -0.36
N ARG B 143 11.90 -16.57 -1.70
CA ARG B 143 12.84 -17.49 -2.34
C ARG B 143 14.28 -17.02 -2.15
N GLU B 144 14.52 -15.70 -2.23
CA GLU B 144 15.84 -15.15 -1.97
C GLU B 144 16.30 -15.51 -0.56
N LYS B 145 15.41 -15.36 0.42
CA LYS B 145 15.74 -15.81 1.78
C LYS B 145 16.07 -17.29 1.80
N ALA B 146 15.29 -18.11 1.08
CA ALA B 146 15.35 -19.55 1.24
C ALA B 146 16.65 -20.13 0.67
N GLU B 147 16.99 -19.79 -0.58
CA GLU B 147 18.21 -20.36 -1.14
C GLU B 147 19.44 -19.58 -0.65
N ASP B 148 19.29 -18.28 -0.40
CA ASP B 148 20.41 -17.58 0.23
C ASP B 148 20.65 -18.01 1.67
N GLN B 149 19.77 -18.84 2.24
CA GLN B 149 19.99 -19.36 3.59
C GLN B 149 21.27 -20.18 3.66
N HIS B 150 21.55 -20.98 2.63
CA HIS B 150 22.79 -21.75 2.61
C HIS B 150 24.01 -20.83 2.62
N PHE B 151 23.93 -19.69 1.92
CA PHE B 151 25.05 -18.76 1.80
C PHE B 151 25.47 -18.18 3.14
#